data_2ZG3
#
_entry.id   2ZG3
#
_cell.length_a   93.134
_cell.length_b   93.134
_cell.length_c   213.558
_cell.angle_alpha   90.00
_cell.angle_beta   90.00
_cell.angle_gamma   120.00
#
_symmetry.space_group_name_H-M   'H 3 2'
#
loop_
_entity.id
_entity.type
_entity.pdbx_description
1 polymer 'Sialic acid-binding Ig-like lectin 5'
2 branched 'N-acetyl-alpha-neuraminic acid-(2-3)-beta-D-galactopyranose-(1-4)-beta-D-glucopyranose'
3 water water
#
_entity_poly.entity_id   1
_entity_poly.type   'polypeptide(L)'
_entity_poly.pdbx_seq_one_letter_code
;VYELQVQKSVTVQEGLCVLVPCSFSYPWRSWYSSPPLYVYWFRDGEIPYYAEVVATNNPDRRVKPETQGRFRLLGDVQKK
NCSLSIGDARMEDTGSYFFRVERGRDVKYSYQQNKLNLEVTALIEKPDIHFLEPLESGRPTRLSCSLPGSCEAGPPLTFS
WTGNALSPLDPETTRSSELTLTPRPEDHGTNLTCQMKRQGAQVTTERTVQLNVS
;
_entity_poly.pdbx_strand_id   A
#
# COMPACT_ATOMS: atom_id res chain seq x y z
N VAL A 1 10.78 -28.56 -12.42
CA VAL A 1 10.03 -28.75 -11.14
C VAL A 1 10.05 -27.47 -10.31
N TYR A 2 10.98 -26.58 -10.62
CA TYR A 2 11.11 -25.30 -9.94
C TYR A 2 10.47 -24.26 -10.83
N GLU A 3 9.21 -23.97 -10.61
CA GLU A 3 8.57 -22.97 -11.44
C GLU A 3 8.00 -21.83 -10.59
N LEU A 4 7.95 -20.65 -11.21
CA LEU A 4 7.44 -19.47 -10.55
C LEU A 4 6.55 -18.69 -11.52
N GLN A 5 5.33 -18.39 -11.09
CA GLN A 5 4.37 -17.65 -11.90
C GLN A 5 4.23 -16.24 -11.34
N VAL A 6 4.50 -15.24 -12.16
CA VAL A 6 4.39 -13.85 -11.74
C VAL A 6 4.52 -12.93 -12.96
N GLN A 7 3.75 -11.85 -12.96
CA GLN A 7 3.82 -10.91 -14.05
C GLN A 7 5.21 -10.29 -13.92
N LYS A 8 5.89 -10.10 -15.05
CA LYS A 8 7.24 -9.54 -15.03
C LYS A 8 7.36 -8.08 -14.63
N SER A 9 6.43 -7.24 -15.06
CA SER A 9 6.54 -5.84 -14.66
C SER A 9 5.36 -5.40 -13.81
N VAL A 10 5.55 -4.34 -13.04
CA VAL A 10 4.51 -3.80 -12.16
C VAL A 10 4.68 -2.29 -11.99
N THR A 11 3.59 -1.59 -11.72
CA THR A 11 3.65 -0.14 -11.57
C THR A 11 2.80 0.35 -10.41
N VAL A 12 3.21 1.47 -9.82
CA VAL A 12 2.47 2.05 -8.71
C VAL A 12 2.82 3.51 -8.58
N GLN A 13 1.84 4.32 -8.22
CA GLN A 13 2.10 5.73 -8.05
C GLN A 13 2.74 5.88 -6.69
N GLU A 14 3.71 6.78 -6.59
CA GLU A 14 4.40 7.01 -5.33
C GLU A 14 3.37 7.20 -4.22
N GLY A 15 3.69 6.71 -3.02
CA GLY A 15 2.80 6.86 -1.88
C GLY A 15 1.64 5.88 -1.83
N LEU A 16 1.26 5.34 -2.98
CA LEU A 16 0.16 4.39 -3.07
C LEU A 16 0.69 2.99 -2.79
N CYS A 17 -0.02 1.98 -3.27
CA CYS A 17 0.42 0.61 -3.03
C CYS A 17 -0.31 -0.40 -3.92
N VAL A 18 0.38 -1.50 -4.22
CA VAL A 18 -0.18 -2.53 -5.10
C VAL A 18 0.16 -3.94 -4.64
N LEU A 19 -0.67 -4.89 -5.05
CA LEU A 19 -0.47 -6.27 -4.71
C LEU A 19 0.02 -7.00 -5.96
N VAL A 20 1.06 -7.80 -5.81
CA VAL A 20 1.63 -8.55 -6.91
C VAL A 20 1.33 -10.02 -6.70
N PRO A 21 0.38 -10.57 -7.48
CA PRO A 21 0.00 -11.99 -7.37
C PRO A 21 1.16 -12.86 -7.78
N CYS A 22 1.50 -13.85 -6.97
CA CYS A 22 2.62 -14.68 -7.29
C CYS A 22 2.38 -16.10 -6.86
N SER A 23 2.84 -17.06 -7.66
CA SER A 23 2.71 -18.47 -7.28
C SER A 23 4.04 -19.14 -7.58
N PHE A 24 4.35 -20.21 -6.86
CA PHE A 24 5.63 -20.88 -7.08
C PHE A 24 5.57 -22.36 -6.73
N SER A 25 6.42 -23.13 -7.39
CA SER A 25 6.49 -24.57 -7.18
C SER A 25 7.93 -25.03 -7.03
N TYR A 26 8.10 -26.16 -6.35
CA TYR A 26 9.43 -26.73 -6.14
C TYR A 26 9.26 -28.20 -5.80
N PRO A 27 10.28 -29.01 -6.09
CA PRO A 27 10.23 -30.45 -5.80
C PRO A 27 10.25 -30.77 -4.31
N TRP A 28 9.31 -31.60 -3.87
CA TRP A 28 9.28 -31.98 -2.46
C TRP A 28 9.10 -33.49 -2.26
N ARG A 29 10.14 -34.13 -1.73
CA ARG A 29 10.12 -35.57 -1.45
C ARG A 29 8.85 -35.94 -0.69
N SER A 30 8.23 -34.93 -0.08
CA SER A 30 6.97 -35.03 0.66
C SER A 30 6.74 -35.97 1.85
N TRP A 31 7.75 -36.69 2.33
CA TRP A 31 7.49 -37.57 3.47
C TRP A 31 7.55 -36.82 4.81
N TYR A 32 7.30 -37.54 5.90
CA TYR A 32 7.28 -36.95 7.26
C TYR A 32 8.41 -35.98 7.58
N SER A 33 9.63 -36.28 7.13
CA SER A 33 10.77 -35.39 7.35
C SER A 33 10.36 -34.10 6.64
N SER A 34 9.65 -33.24 7.37
CA SER A 34 9.15 -32.01 6.80
C SER A 34 9.76 -30.75 7.41
N PRO A 35 10.96 -30.35 6.93
CA PRO A 35 11.66 -29.16 7.42
C PRO A 35 10.92 -27.88 7.00
N PRO A 36 11.20 -26.75 7.66
CA PRO A 36 10.57 -25.47 7.35
C PRO A 36 10.82 -24.95 5.93
N LEU A 37 9.81 -24.30 5.39
CA LEU A 37 9.90 -23.71 4.08
C LEU A 37 10.11 -22.19 4.22
N TYR A 38 11.25 -21.72 3.73
CA TYR A 38 11.54 -20.29 3.80
C TYR A 38 11.62 -19.63 2.45
N VAL A 39 10.96 -18.49 2.36
CA VAL A 39 10.94 -17.76 1.11
C VAL A 39 11.45 -16.36 1.34
N TYR A 40 12.09 -15.83 0.31
CA TYR A 40 12.64 -14.50 0.38
C TYR A 40 12.39 -13.77 -0.91
N TRP A 41 12.33 -12.46 -0.78
CA TRP A 41 12.18 -11.54 -1.89
C TRP A 41 13.38 -10.66 -1.64
N PHE A 42 14.27 -10.64 -2.63
CA PHE A 42 15.46 -9.81 -2.54
C PHE A 42 15.44 -8.78 -3.65
N ARG A 43 16.34 -7.81 -3.53
CA ARG A 43 16.51 -6.77 -4.52
C ARG A 43 17.36 -7.52 -5.57
N ASP A 44 17.31 -7.05 -6.80
CA ASP A 44 18.04 -7.70 -7.90
C ASP A 44 19.55 -7.72 -7.72
N GLY A 45 20.13 -8.91 -7.86
CA GLY A 45 21.57 -9.05 -7.73
C GLY A 45 22.16 -9.19 -6.34
N GLU A 46 21.32 -9.20 -5.31
CA GLU A 46 21.81 -9.34 -3.94
C GLU A 46 22.04 -10.83 -3.72
N ILE A 47 23.02 -11.16 -2.89
CA ILE A 47 23.32 -12.57 -2.61
C ILE A 47 22.54 -13.09 -1.42
N PRO A 48 21.66 -14.07 -1.66
CA PRO A 48 20.86 -14.64 -0.59
C PRO A 48 21.62 -14.71 0.74
N TYR A 49 22.74 -15.42 0.74
CA TYR A 49 23.59 -15.59 1.92
C TYR A 49 23.87 -14.36 2.76
N TYR A 50 24.08 -13.20 2.12
CA TYR A 50 24.41 -12.01 2.89
C TYR A 50 23.44 -10.86 2.84
N ALA A 51 22.34 -10.99 2.12
CA ALA A 51 21.41 -9.86 2.02
C ALA A 51 20.24 -9.86 3.00
N GLU A 52 19.76 -8.66 3.27
CA GLU A 52 18.59 -8.47 4.11
C GLU A 52 17.45 -8.57 3.12
N VAL A 53 16.46 -9.38 3.44
CA VAL A 53 15.32 -9.55 2.56
C VAL A 53 14.51 -8.28 2.44
N VAL A 54 13.79 -8.15 1.33
CA VAL A 54 12.94 -6.98 1.19
C VAL A 54 11.67 -7.52 1.86
N ALA A 55 11.54 -8.85 1.81
CA ALA A 55 10.43 -9.55 2.40
C ALA A 55 10.76 -11.03 2.60
N THR A 56 10.38 -11.59 3.74
CA THR A 56 10.65 -13.00 3.99
C THR A 56 9.77 -13.59 5.08
N ASN A 57 9.64 -14.91 5.06
CA ASN A 57 8.85 -15.57 6.06
C ASN A 57 9.81 -16.20 7.09
N ASN A 58 11.11 -15.95 6.92
CA ASN A 58 12.04 -16.49 7.88
C ASN A 58 12.15 -15.47 9.02
N PRO A 59 11.87 -15.92 10.27
CA PRO A 59 11.93 -15.01 11.41
C PRO A 59 13.33 -14.70 11.98
N ASP A 60 14.37 -15.02 11.22
CA ASP A 60 15.70 -14.73 11.68
C ASP A 60 16.34 -13.77 10.74
N ARG A 61 16.01 -13.92 9.47
CA ARG A 61 16.56 -13.05 8.46
C ARG A 61 16.05 -11.63 8.69
N ARG A 62 16.99 -10.71 8.82
CA ARG A 62 16.68 -9.31 9.00
C ARG A 62 16.06 -8.76 7.71
N VAL A 63 15.15 -7.81 7.83
CA VAL A 63 14.52 -7.23 6.65
C VAL A 63 15.03 -5.82 6.38
N LYS A 64 15.21 -5.48 5.11
CA LYS A 64 15.66 -4.15 4.79
C LYS A 64 14.75 -3.15 5.50
N PRO A 65 15.33 -2.26 6.34
CA PRO A 65 14.61 -1.24 7.09
C PRO A 65 13.65 -0.43 6.22
N GLU A 66 14.09 -0.14 4.99
CA GLU A 66 13.28 0.61 4.03
C GLU A 66 12.03 -0.13 3.61
N THR A 67 12.15 -1.44 3.40
CA THR A 67 10.99 -2.23 2.98
C THR A 67 10.17 -2.78 4.14
N GLN A 68 10.71 -2.80 5.34
CA GLN A 68 9.95 -3.31 6.48
C GLN A 68 8.65 -2.54 6.55
N GLY A 69 7.56 -3.27 6.74
CA GLY A 69 6.27 -2.63 6.85
C GLY A 69 5.59 -2.36 5.53
N ARG A 70 6.36 -2.12 4.47
CA ARG A 70 5.77 -1.82 3.18
C ARG A 70 5.73 -3.01 2.23
N PHE A 71 6.66 -3.94 2.40
CA PHE A 71 6.69 -5.12 1.56
C PHE A 71 6.27 -6.30 2.40
N ARG A 72 5.11 -6.87 2.12
CA ARG A 72 4.68 -8.00 2.90
C ARG A 72 4.20 -9.15 2.06
N LEU A 73 4.51 -10.35 2.52
CA LEU A 73 4.10 -11.55 1.82
C LEU A 73 2.69 -11.93 2.26
N LEU A 74 1.74 -11.67 1.38
CA LEU A 74 0.34 -12.00 1.61
C LEU A 74 0.22 -13.49 1.38
N GLY A 75 -1.01 -14.00 1.43
CA GLY A 75 -1.21 -15.40 1.19
C GLY A 75 -0.34 -16.33 2.02
N ASP A 76 -0.48 -17.62 1.73
CA ASP A 76 0.23 -18.65 2.46
C ASP A 76 1.40 -19.23 1.69
N VAL A 77 2.59 -19.15 2.29
CA VAL A 77 3.80 -19.66 1.67
C VAL A 77 3.73 -21.19 1.54
N GLN A 78 3.07 -21.83 2.50
CA GLN A 78 2.91 -23.28 2.49
C GLN A 78 1.91 -23.72 1.42
N LYS A 79 1.34 -22.76 0.71
CA LYS A 79 0.37 -23.05 -0.33
C LYS A 79 0.71 -22.39 -1.68
N LYS A 80 1.95 -22.57 -2.12
CA LYS A 80 2.45 -22.04 -3.40
C LYS A 80 2.36 -20.52 -3.58
N ASN A 81 1.89 -19.82 -2.55
CA ASN A 81 1.74 -18.39 -2.65
C ASN A 81 2.97 -17.54 -2.33
N CYS A 82 3.43 -16.76 -3.32
CA CYS A 82 4.58 -15.87 -3.12
C CYS A 82 4.14 -14.47 -3.41
N SER A 83 2.84 -14.25 -3.47
CA SER A 83 2.26 -12.94 -3.72
C SER A 83 2.83 -11.87 -2.80
N LEU A 84 3.24 -10.76 -3.39
CA LEU A 84 3.81 -9.70 -2.61
C LEU A 84 2.95 -8.46 -2.57
N SER A 85 2.74 -7.93 -1.38
CA SER A 85 1.97 -6.71 -1.20
C SER A 85 2.99 -5.58 -1.04
N ILE A 86 2.89 -4.56 -1.88
CA ILE A 86 3.82 -3.43 -1.79
C ILE A 86 3.08 -2.14 -1.43
N GLY A 87 3.31 -1.65 -0.23
CA GLY A 87 2.60 -0.46 0.21
C GLY A 87 3.38 0.83 0.34
N ASP A 88 2.66 1.95 0.32
CA ASP A 88 3.22 3.28 0.42
C ASP A 88 4.48 3.41 -0.44
N ALA A 89 4.32 3.04 -1.71
CA ALA A 89 5.41 3.06 -2.69
C ALA A 89 6.37 4.24 -2.54
N ARG A 90 7.58 4.04 -3.03
CA ARG A 90 8.63 5.04 -2.99
C ARG A 90 9.38 4.99 -4.30
N MET A 91 9.87 6.15 -4.74
CA MET A 91 10.63 6.16 -5.98
C MET A 91 11.80 5.20 -5.81
N GLU A 92 12.30 5.10 -4.58
CA GLU A 92 13.43 4.22 -4.25
C GLU A 92 13.16 2.74 -4.50
N ASP A 93 11.92 2.31 -4.28
CA ASP A 93 11.60 0.91 -4.47
C ASP A 93 11.71 0.49 -5.92
N THR A 94 11.72 1.48 -6.82
CA THR A 94 11.81 1.17 -8.24
C THR A 94 13.00 0.26 -8.50
N GLY A 95 12.75 -0.85 -9.18
CA GLY A 95 13.83 -1.78 -9.47
C GLY A 95 13.37 -3.18 -9.76
N SER A 96 14.32 -4.11 -9.81
CA SER A 96 14.02 -5.51 -10.03
C SER A 96 14.14 -6.29 -8.71
N TYR A 97 13.48 -7.44 -8.63
CA TYR A 97 13.49 -8.26 -7.44
C TYR A 97 13.34 -9.72 -7.78
N PHE A 98 14.00 -10.61 -7.05
CA PHE A 98 13.81 -12.03 -7.32
C PHE A 98 13.35 -12.74 -6.04
N PHE A 99 12.77 -13.91 -6.24
CA PHE A 99 12.21 -14.73 -5.17
C PHE A 99 13.04 -15.97 -4.95
N ARG A 100 13.15 -16.37 -3.70
CA ARG A 100 13.93 -17.54 -3.38
C ARG A 100 13.18 -18.47 -2.44
N VAL A 101 13.47 -19.76 -2.57
CA VAL A 101 12.88 -20.78 -1.75
C VAL A 101 14.03 -21.54 -1.13
N GLU A 102 13.80 -22.04 0.07
CA GLU A 102 14.80 -22.81 0.79
C GLU A 102 13.99 -23.73 1.67
N ARG A 103 14.27 -25.01 1.57
CA ARG A 103 13.59 -25.97 2.42
C ARG A 103 14.51 -27.16 2.55
N GLY A 104 14.92 -27.44 3.77
CA GLY A 104 15.85 -28.53 4.00
C GLY A 104 17.18 -28.16 3.37
N ARG A 105 18.12 -29.10 3.38
CA ARG A 105 19.43 -28.84 2.81
C ARG A 105 19.36 -29.02 1.29
N ASP A 106 18.35 -29.77 0.83
CA ASP A 106 18.20 -30.02 -0.59
C ASP A 106 17.54 -28.88 -1.36
N VAL A 107 16.34 -28.50 -0.97
CA VAL A 107 15.64 -27.43 -1.67
C VAL A 107 16.28 -26.05 -1.42
N LYS A 108 16.94 -25.54 -2.45
CA LYS A 108 17.59 -24.23 -2.39
C LYS A 108 17.49 -23.72 -3.81
N TYR A 109 16.93 -22.53 -4.02
CA TYR A 109 16.78 -22.06 -5.40
C TYR A 109 16.22 -20.64 -5.53
N SER A 110 16.90 -19.82 -6.33
CA SER A 110 16.44 -18.46 -6.59
C SER A 110 15.76 -18.46 -7.97
N TYR A 111 14.57 -17.87 -8.08
CA TYR A 111 13.90 -17.86 -9.37
C TYR A 111 14.42 -16.67 -10.18
N GLN A 112 15.67 -16.82 -10.61
CA GLN A 112 16.39 -15.78 -11.35
C GLN A 112 15.87 -15.45 -12.74
N GLN A 113 15.01 -16.32 -13.28
CA GLN A 113 14.43 -16.13 -14.63
C GLN A 113 13.12 -15.38 -14.58
N ASN A 114 12.56 -15.21 -13.38
CA ASN A 114 11.29 -14.55 -13.25
C ASN A 114 11.28 -13.27 -12.41
N LYS A 115 12.39 -12.54 -12.38
CA LYS A 115 12.47 -11.31 -11.62
C LYS A 115 11.21 -10.45 -11.71
N LEU A 116 10.97 -9.68 -10.66
CA LEU A 116 9.81 -8.81 -10.62
C LEU A 116 10.32 -7.40 -10.78
N ASN A 117 9.86 -6.71 -11.83
CA ASN A 117 10.29 -5.35 -12.09
C ASN A 117 9.25 -4.38 -11.62
N LEU A 118 9.56 -3.71 -10.52
CA LEU A 118 8.66 -2.74 -9.94
C LEU A 118 9.04 -1.36 -10.38
N GLU A 119 8.05 -0.60 -10.85
CA GLU A 119 8.30 0.76 -11.28
C GLU A 119 7.38 1.71 -10.53
N VAL A 120 7.96 2.66 -9.82
CA VAL A 120 7.15 3.61 -9.07
C VAL A 120 7.05 4.95 -9.80
N THR A 121 5.81 5.34 -10.10
CA THR A 121 5.53 6.57 -10.80
C THR A 121 5.22 7.69 -9.82
N ALA A 122 4.97 8.88 -10.35
CA ALA A 122 4.66 10.03 -9.51
C ALA A 122 3.16 9.99 -9.17
N LEU A 123 2.82 10.42 -7.96
CA LEU A 123 1.42 10.40 -7.52
C LEU A 123 0.55 11.48 -8.15
N ILE A 124 -0.41 11.04 -8.96
CA ILE A 124 -1.32 11.96 -9.61
C ILE A 124 -2.70 11.99 -8.96
N GLU A 125 -3.26 10.80 -8.68
CA GLU A 125 -4.58 10.72 -8.06
C GLU A 125 -4.76 11.62 -6.86
N LYS A 126 -5.90 12.32 -6.82
CA LYS A 126 -6.23 13.22 -5.72
C LYS A 126 -7.22 12.52 -4.81
N PRO A 127 -7.29 12.93 -3.54
CA PRO A 127 -8.21 12.34 -2.56
C PRO A 127 -9.67 12.30 -3.01
N ASP A 128 -10.54 11.80 -2.15
CA ASP A 128 -11.96 11.71 -2.47
C ASP A 128 -12.88 12.11 -1.32
N ILE A 129 -13.97 12.78 -1.67
CA ILE A 129 -14.95 13.21 -0.68
C ILE A 129 -16.25 12.48 -0.99
N HIS A 130 -16.80 11.80 0.00
CA HIS A 130 -18.04 11.05 -0.18
C HIS A 130 -19.11 11.39 0.85
N PHE A 131 -20.37 11.29 0.43
CA PHE A 131 -21.50 11.60 1.30
C PHE A 131 -22.81 11.06 0.72
N LEU A 132 -23.94 11.44 1.31
CA LEU A 132 -25.25 10.99 0.83
C LEU A 132 -25.84 11.95 -0.20
N GLU A 133 -25.27 13.15 -0.31
CA GLU A 133 -25.70 14.18 -1.24
C GLU A 133 -26.91 15.02 -0.77
N PRO A 134 -27.14 15.11 0.56
CA PRO A 134 -28.28 15.91 1.03
C PRO A 134 -28.09 17.40 0.73
N LEU A 135 -27.09 18.00 1.38
CA LEU A 135 -26.75 19.40 1.19
C LEU A 135 -27.86 20.39 1.59
N GLU A 136 -28.45 20.15 2.76
CA GLU A 136 -29.52 21.02 3.26
C GLU A 136 -28.99 21.84 4.43
N SER A 137 -29.24 23.14 4.40
CA SER A 137 -28.79 24.02 5.48
C SER A 137 -29.41 23.52 6.79
N GLY A 138 -28.89 24.00 7.92
CA GLY A 138 -29.40 23.58 9.21
C GLY A 138 -29.61 22.09 9.32
N ARG A 139 -28.68 21.32 8.75
CA ARG A 139 -28.75 19.87 8.78
C ARG A 139 -27.35 19.28 8.64
N PRO A 140 -26.76 18.85 9.76
CA PRO A 140 -25.40 18.27 9.78
C PRO A 140 -25.28 16.95 9.03
N THR A 141 -24.20 16.83 8.26
CA THR A 141 -23.92 15.61 7.50
C THR A 141 -22.41 15.40 7.54
N ARG A 142 -21.99 14.14 7.58
CA ARG A 142 -20.57 13.81 7.64
C ARG A 142 -19.98 13.50 6.27
N LEU A 143 -18.73 13.93 6.06
CA LEU A 143 -18.04 13.72 4.79
C LEU A 143 -16.86 12.76 4.98
N SER A 144 -16.57 11.96 3.96
CA SER A 144 -15.49 10.99 4.03
C SER A 144 -14.40 11.25 3.01
N CYS A 145 -13.27 11.81 3.46
CA CYS A 145 -12.15 12.09 2.57
C CYS A 145 -11.16 10.92 2.65
N SER A 146 -10.79 10.39 1.48
CA SER A 146 -9.87 9.27 1.42
C SER A 146 -9.17 9.19 0.07
N LEU A 147 -7.94 8.69 0.07
CA LEU A 147 -7.15 8.59 -1.15
C LEU A 147 -7.20 7.18 -1.73
N PRO A 148 -7.56 7.06 -3.02
CA PRO A 148 -7.63 5.76 -3.69
C PRO A 148 -6.33 4.97 -3.65
N GLY A 149 -6.44 3.65 -3.82
CA GLY A 149 -5.29 2.78 -3.83
C GLY A 149 -4.23 3.05 -2.79
N SER A 150 -4.66 3.24 -1.55
CA SER A 150 -3.75 3.51 -0.45
C SER A 150 -3.78 2.36 0.56
N CYS A 151 -2.71 2.22 1.32
CA CYS A 151 -2.61 1.17 2.33
C CYS A 151 -2.32 1.83 3.64
N GLU A 152 -2.63 1.15 4.73
CA GLU A 152 -2.34 1.69 6.05
C GLU A 152 -0.94 1.17 6.36
N ALA A 153 -0.13 1.05 5.31
CA ALA A 153 1.24 0.54 5.37
C ALA A 153 2.22 1.43 6.16
N GLY A 154 2.76 2.44 5.50
CA GLY A 154 3.70 3.33 6.16
C GLY A 154 3.05 4.18 7.24
N PRO A 155 3.54 5.43 7.42
CA PRO A 155 3.01 6.37 8.42
C PRO A 155 1.64 6.92 7.97
N PRO A 156 0.61 6.81 8.84
CA PRO A 156 -0.73 7.29 8.53
C PRO A 156 -0.79 8.62 7.77
N LEU A 157 -1.91 8.84 7.09
CA LEU A 157 -2.12 10.06 6.30
C LEU A 157 -2.82 11.13 7.12
N THR A 158 -2.22 12.31 7.17
CA THR A 158 -2.78 13.43 7.92
C THR A 158 -3.81 14.25 7.13
N PHE A 159 -4.99 14.41 7.71
CA PHE A 159 -6.06 15.16 7.07
C PHE A 159 -6.09 16.61 7.53
N SER A 160 -6.75 17.45 6.75
CA SER A 160 -6.88 18.88 7.03
C SER A 160 -7.76 19.53 5.96
N TRP A 161 -8.98 19.91 6.34
CA TRP A 161 -9.90 20.55 5.40
C TRP A 161 -9.80 22.07 5.45
N THR A 162 -9.85 22.69 4.27
CA THR A 162 -9.78 24.14 4.14
C THR A 162 -11.07 24.68 3.53
N GLY A 163 -11.45 25.90 3.89
CA GLY A 163 -12.67 26.47 3.36
C GLY A 163 -13.31 27.52 4.24
N ASN A 164 -14.16 28.33 3.63
CA ASN A 164 -14.86 29.39 4.35
C ASN A 164 -16.00 28.78 5.15
N ALA A 165 -16.51 27.65 4.67
CA ALA A 165 -17.62 26.95 5.32
C ALA A 165 -17.12 26.16 6.52
N LEU A 166 -15.90 26.46 6.96
CA LEU A 166 -15.30 25.77 8.10
C LEU A 166 -15.22 26.69 9.32
N SER A 167 -15.35 27.99 9.10
CA SER A 167 -15.31 28.96 10.18
C SER A 167 -16.41 28.71 11.22
N PRO A 168 -17.65 28.44 10.76
CA PRO A 168 -18.76 28.17 11.68
C PRO A 168 -18.56 26.91 12.53
N LEU A 169 -17.30 26.52 12.73
CA LEU A 169 -16.98 25.34 13.53
C LEU A 169 -15.55 25.36 14.08
N ASP A 170 -15.27 24.44 15.01
CA ASP A 170 -13.97 24.33 15.68
C ASP A 170 -12.84 23.88 14.75
N PRO A 171 -11.74 24.64 14.69
CA PRO A 171 -10.58 24.33 13.85
C PRO A 171 -9.93 22.99 14.22
N GLU A 172 -10.34 22.45 15.36
CA GLU A 172 -9.81 21.19 15.87
C GLU A 172 -10.35 19.97 15.14
N THR A 173 -11.68 19.84 15.15
CA THR A 173 -12.35 18.73 14.49
C THR A 173 -12.20 18.77 12.97
N THR A 174 -11.12 19.38 12.49
CA THR A 174 -10.86 19.50 11.06
C THR A 174 -9.58 18.79 10.63
N ARG A 175 -9.31 17.64 11.24
CA ARG A 175 -8.11 16.86 10.93
C ARG A 175 -8.45 15.40 10.69
N SER A 176 -9.67 15.01 11.06
CA SER A 176 -10.13 13.64 10.90
C SER A 176 -10.34 13.34 9.42
N SER A 177 -10.64 12.07 9.14
CA SER A 177 -10.89 11.64 7.77
C SER A 177 -12.33 12.02 7.47
N GLU A 178 -13.18 11.78 8.45
CA GLU A 178 -14.60 12.11 8.35
C GLU A 178 -14.79 13.47 9.00
N LEU A 179 -15.97 14.05 8.83
CA LEU A 179 -16.26 15.35 9.40
C LEU A 179 -17.72 15.70 9.21
N THR A 180 -18.35 16.23 10.25
CA THR A 180 -19.76 16.62 10.18
C THR A 180 -19.83 18.14 10.09
N LEU A 181 -21.00 18.64 9.69
CA LEU A 181 -21.20 20.08 9.57
C LEU A 181 -22.65 20.45 9.28
N THR A 182 -23.14 21.46 9.98
CA THR A 182 -24.49 21.97 9.78
C THR A 182 -24.28 23.04 8.73
N PRO A 183 -24.45 22.68 7.44
CA PRO A 183 -24.27 23.64 6.35
C PRO A 183 -25.12 24.89 6.49
N ARG A 184 -24.50 26.04 6.23
CA ARG A 184 -25.21 27.31 6.30
C ARG A 184 -25.44 27.78 4.87
N PRO A 185 -26.28 28.81 4.69
CA PRO A 185 -26.54 29.32 3.35
C PRO A 185 -25.30 29.97 2.71
N GLU A 186 -24.49 30.65 3.53
CA GLU A 186 -23.29 31.31 3.02
C GLU A 186 -22.25 30.27 2.64
N ASP A 187 -22.46 29.03 3.09
CA ASP A 187 -21.53 27.94 2.77
C ASP A 187 -21.86 27.33 1.42
N HIS A 188 -23.07 27.59 0.93
CA HIS A 188 -23.49 27.07 -0.36
C HIS A 188 -22.70 27.72 -1.48
N GLY A 189 -21.87 26.93 -2.14
CA GLY A 189 -21.04 27.44 -3.22
C GLY A 189 -19.64 27.69 -2.73
N THR A 190 -19.41 27.35 -1.45
CA THR A 190 -18.10 27.53 -0.84
C THR A 190 -17.11 26.50 -1.35
N ASN A 191 -15.82 26.85 -1.30
CA ASN A 191 -14.76 25.96 -1.75
C ASN A 191 -14.11 25.28 -0.56
N LEU A 192 -14.41 24.00 -0.40
CA LEU A 192 -13.85 23.20 0.69
C LEU A 192 -12.74 22.33 0.09
N THR A 193 -11.68 22.10 0.86
CA THR A 193 -10.57 21.29 0.38
C THR A 193 -9.96 20.36 1.42
N CYS A 194 -9.77 19.09 1.04
CA CYS A 194 -9.17 18.11 1.94
C CYS A 194 -7.74 17.81 1.48
N GLN A 195 -6.79 18.02 2.40
CA GLN A 195 -5.37 17.79 2.12
C GLN A 195 -4.86 16.53 2.81
N MET A 196 -3.78 15.95 2.27
CA MET A 196 -3.23 14.74 2.85
C MET A 196 -1.70 14.65 2.73
N LYS A 197 -1.06 14.20 3.81
CA LYS A 197 0.39 14.02 3.86
C LYS A 197 0.65 12.72 4.65
N ARG A 198 1.73 12.02 4.32
CA ARG A 198 2.07 10.75 4.98
C ARG A 198 2.92 10.94 6.24
N GLN A 199 2.52 11.88 7.11
CA GLN A 199 3.25 12.16 8.32
C GLN A 199 4.67 12.65 8.02
N THR A 204 1.52 16.87 -1.99
CA THR A 204 0.49 17.80 -2.40
C THR A 204 -0.69 17.08 -3.04
N THR A 205 -1.64 16.67 -2.20
CA THR A 205 -2.83 15.98 -2.67
C THR A 205 -4.04 16.73 -2.12
N GLU A 206 -4.76 17.40 -3.01
CA GLU A 206 -5.93 18.16 -2.59
C GLU A 206 -7.16 17.88 -3.45
N ARG A 207 -8.32 17.98 -2.80
CA ARG A 207 -9.60 17.78 -3.47
C ARG A 207 -10.49 18.93 -3.03
N THR A 208 -10.77 19.85 -3.95
CA THR A 208 -11.61 21.01 -3.65
C THR A 208 -12.98 20.87 -4.30
N VAL A 209 -14.03 20.92 -3.48
CA VAL A 209 -15.40 20.80 -3.96
C VAL A 209 -16.32 21.96 -3.60
N GLN A 210 -17.09 22.42 -4.57
CA GLN A 210 -18.02 23.52 -4.33
C GLN A 210 -19.25 22.96 -3.62
N LEU A 211 -19.53 23.52 -2.45
CA LEU A 211 -20.67 23.10 -1.64
C LEU A 211 -22.01 23.45 -2.30
N ASN A 212 -22.95 22.52 -2.26
CA ASN A 212 -24.27 22.74 -2.85
C ASN A 212 -25.38 22.75 -1.81
N VAL A 213 -25.26 23.65 -0.83
CA VAL A 213 -26.26 23.76 0.23
C VAL A 213 -27.58 24.30 -0.35
N SER A 214 -28.61 23.45 -0.36
CA SER A 214 -29.92 23.84 -0.87
C SER A 214 -30.80 24.46 0.22
#